data_2GUY
#
_entry.id   2GUY
#
_cell.length_a   102.799
_cell.length_b   63.228
_cell.length_c   74.456
_cell.angle_alpha   90.00
_cell.angle_beta   90.00
_cell.angle_gamma   90.00
#
_symmetry.space_group_name_H-M   'P 21 21 2'
#
loop_
_entity.id
_entity.type
_entity.pdbx_description
1 polymer 'Alpha-amylase A'
2 branched beta-D-mannopyranose-(1-4)-2-acetamido-2-deoxy-beta-D-glucopyranose-(1-4)-2-acetamido-2-deoxy-beta-D-glucopyranose
3 non-polymer 'CALCIUM ION'
4 water water
#
_entity_poly.entity_id   1
_entity_poly.type   'polypeptide(L)'
_entity_poly.pdbx_seq_one_letter_code
;ATPADWRSQSIYFLLTDRFARTDGSTTATCNTADQKYCGGTWQGIIDKLDYIQGMGFTAIWITPVTAQLPQTTAYGDAYH
GYWQQDIYSLNENYGTADDLKALSSALHERGMYLMVDVVANHMGYDGAGSSVDYSVFKPFSSQDYFHPFCFIQNYEDQTQ
VEDCWLGDNTVSLPDLDTTKDVVKNEWYDWVGSLVSNYSIDGLRIDTVKHVQKDFWPGYNKAAGVYCIGEVLDGDPAYTC
PYQNVMDGVLNYPIYYPLLNAFKSTSGSMDDLYNMINTVKSDCPDSTLLGTFVENHDNPRFASYTNDIALAKNVAAFIIL
NDGIPIIYAGQEQHYAGGNDPANREATWLSGYPTDSELYKLIASANAIRNYAISKDTGFVTYKNWPIYKDDTTIAMRKGT
DGSQIVTILSNKGASGDSYTLSLSGAGYTAGQQLTEVIGCTTVTVGSDGNVPVPMAGGLPRVLYPTEKLAGSKICSSS
;
_entity_poly.pdbx_strand_id   A
#
# COMPACT_ATOMS: atom_id res chain seq x y z
N ALA A 1 -14.25 9.54 -3.65
CA ALA A 1 -13.27 10.66 -3.74
C ALA A 1 -12.42 10.54 -5.00
N THR A 2 -12.02 11.69 -5.54
CA THR A 2 -11.35 11.75 -6.83
C THR A 2 -9.87 11.43 -6.74
N PRO A 3 -9.26 11.09 -7.87
CA PRO A 3 -7.80 10.99 -7.82
C PRO A 3 -7.10 12.21 -7.20
N ALA A 4 -7.56 13.42 -7.50
CA ALA A 4 -6.95 14.62 -6.90
C ALA A 4 -7.12 14.64 -5.37
N ASP A 5 -8.28 14.20 -4.88
CA ASP A 5 -8.51 14.09 -3.42
C ASP A 5 -7.58 13.06 -2.79
N TRP A 6 -7.28 12.01 -3.54
CA TRP A 6 -6.41 10.93 -3.02
C TRP A 6 -4.90 11.24 -2.94
N ARG A 7 -4.41 12.19 -3.72
CA ARG A 7 -2.95 12.47 -3.72
C ARG A 7 -2.41 12.74 -2.32
N SER A 8 -3.21 13.42 -1.51
CA SER A 8 -2.70 13.83 -0.20
C SER A 8 -2.78 12.69 0.82
N GLN A 9 -3.38 11.55 0.45
CA GLN A 9 -3.71 10.53 1.47
C GLN A 9 -2.51 9.65 1.83
N SER A 10 -2.59 8.96 2.97
CA SER A 10 -1.56 8.03 3.41
C SER A 10 -2.37 6.82 3.90
N ILE A 11 -2.07 5.62 3.36
CA ILE A 11 -2.94 4.44 3.57
C ILE A 11 -2.29 3.41 4.50
N TYR A 12 -3.07 2.93 5.43
CA TYR A 12 -2.72 1.75 6.23
C TYR A 12 -3.51 0.60 5.66
N PHE A 13 -2.79 -0.39 5.11
CA PHE A 13 -3.43 -1.53 4.47
C PHE A 13 -3.47 -2.66 5.52
N LEU A 14 -4.62 -3.30 5.66
CA LEU A 14 -4.78 -4.35 6.65
C LEU A 14 -5.61 -5.48 6.07
N LEU A 15 -5.42 -6.67 6.61
CA LEU A 15 -6.30 -7.78 6.35
C LEU A 15 -7.42 -7.80 7.36
N THR A 16 -8.66 -7.75 6.89
CA THR A 16 -9.73 -7.67 7.86
C THR A 16 -9.74 -8.83 8.85
N ASP A 17 -9.40 -10.04 8.37
CA ASP A 17 -9.42 -11.18 9.29
C ASP A 17 -8.31 -11.12 10.35
N ARG A 18 -7.30 -10.28 10.11
CA ARG A 18 -6.06 -10.38 10.90
C ARG A 18 -5.75 -9.12 11.68
N PHE A 19 -6.56 -8.08 11.52
CA PHE A 19 -6.24 -6.85 12.20
C PHE A 19 -6.79 -6.67 13.62
N ALA A 20 -8.09 -6.85 13.78
CA ALA A 20 -8.69 -6.63 15.14
C ALA A 20 -9.98 -7.42 15.24
N ARG A 21 -10.10 -8.20 16.33
CA ARG A 21 -11.33 -8.95 16.63
C ARG A 21 -12.35 -8.06 17.32
N THR A 22 -13.62 -8.46 17.21
CA THR A 22 -14.68 -7.72 17.89
C THR A 22 -14.40 -7.63 19.39
N ASP A 23 -13.92 -8.73 19.96
CA ASP A 23 -13.67 -8.76 21.40
C ASP A 23 -12.40 -8.02 21.85
N GLY A 24 -11.61 -7.52 20.90
CA GLY A 24 -10.42 -6.72 21.24
C GLY A 24 -9.29 -7.50 21.87
N SER A 25 -9.36 -8.83 21.79
CA SER A 25 -8.31 -9.66 22.39
C SER A 25 -6.98 -9.34 21.76
N THR A 26 -5.93 -9.28 22.58
CA THR A 26 -4.57 -9.22 22.03
C THR A 26 -3.84 -10.53 22.24
N THR A 27 -4.56 -11.57 22.66
CA THR A 27 -3.94 -12.86 22.90
C THR A 27 -4.56 -14.02 22.11
N ALA A 28 -5.73 -13.81 21.53
CA ALA A 28 -6.36 -14.86 20.73
C ALA A 28 -5.40 -15.44 19.68
N THR A 29 -5.34 -16.77 19.63
CA THR A 29 -4.50 -17.52 18.69
C THR A 29 -4.71 -17.15 17.23
N CYS A 30 -3.62 -17.01 16.47
CA CYS A 30 -3.75 -16.94 15.02
C CYS A 30 -2.52 -17.56 14.41
N ASN A 31 -2.65 -18.83 14.03
CA ASN A 31 -1.51 -19.61 13.55
C ASN A 31 -1.53 -19.43 12.06
N THR A 32 -0.56 -18.68 11.52
CA THR A 32 -0.65 -18.30 10.10
C THR A 32 -0.56 -19.54 9.22
N ALA A 33 0.18 -20.56 9.65
CA ALA A 33 0.37 -21.73 8.81
C ALA A 33 -0.94 -22.48 8.57
N ASP A 34 -1.88 -22.37 9.51
CA ASP A 34 -3.16 -23.09 9.41
C ASP A 34 -4.07 -22.47 8.35
N GLN A 35 -3.81 -21.21 8.03
CA GLN A 35 -4.55 -20.53 6.96
C GLN A 35 -6.06 -20.51 7.19
N LYS A 36 -6.47 -20.36 8.45
CA LYS A 36 -7.91 -20.34 8.74
C LYS A 36 -8.37 -18.94 9.18
N TYR A 37 -9.68 -18.69 9.18
CA TYR A 37 -10.18 -17.46 9.78
C TYR A 37 -9.75 -17.38 11.23
N CYS A 38 -9.17 -16.25 11.60
CA CYS A 38 -8.70 -15.99 12.97
C CYS A 38 -9.65 -15.07 13.74
N GLY A 39 -10.60 -14.46 13.01
CA GLY A 39 -11.70 -13.71 13.63
C GLY A 39 -11.69 -12.18 13.57
N GLY A 40 -10.82 -11.61 12.77
CA GLY A 40 -10.84 -10.16 12.60
C GLY A 40 -12.15 -9.69 11.99
N THR A 41 -12.64 -8.51 12.39
CA THR A 41 -13.94 -8.00 11.89
C THR A 41 -13.91 -6.51 11.58
N TRP A 42 -14.94 -6.04 10.88
CA TRP A 42 -15.09 -4.60 10.64
C TRP A 42 -15.29 -3.84 11.94
N GLN A 43 -16.08 -4.38 12.87
CA GLN A 43 -16.24 -3.72 14.16
C GLN A 43 -14.90 -3.61 14.87
N GLY A 44 -14.08 -4.67 14.78
CA GLY A 44 -12.75 -4.65 15.35
C GLY A 44 -11.95 -3.48 14.84
N ILE A 45 -12.01 -3.24 13.52
CA ILE A 45 -11.24 -2.14 12.93
C ILE A 45 -11.73 -0.80 13.55
N ILE A 46 -13.04 -0.64 13.65
CA ILE A 46 -13.57 0.63 14.16
C ILE A 46 -12.95 0.93 15.51
N ASP A 47 -12.87 -0.08 16.36
CA ASP A 47 -12.37 0.15 17.72
C ASP A 47 -10.87 0.43 17.80
N LYS A 48 -10.14 0.17 16.72
CA LYS A 48 -8.72 0.46 16.68
C LYS A 48 -8.36 1.58 15.71
N LEU A 49 -9.34 2.37 15.29
CA LEU A 49 -9.03 3.49 14.41
C LEU A 49 -8.07 4.49 15.05
N ASP A 50 -8.14 4.67 16.37
CA ASP A 50 -7.21 5.60 17.01
C ASP A 50 -5.75 5.19 16.86
N TYR A 51 -5.50 3.88 16.92
CA TYR A 51 -4.17 3.33 16.73
C TYR A 51 -3.67 3.70 15.34
N ILE A 52 -4.54 3.57 14.34
CA ILE A 52 -4.12 3.82 12.97
C ILE A 52 -3.94 5.30 12.76
N GLN A 53 -4.94 6.09 13.18
CA GLN A 53 -4.89 7.52 12.93
C GLN A 53 -3.73 8.20 13.73
N GLY A 54 -3.37 7.59 14.85
CA GLY A 54 -2.23 8.07 15.69
C GLY A 54 -0.89 7.98 14.98
N MET A 55 -0.83 7.19 13.90
CA MET A 55 0.40 7.13 13.11
C MET A 55 0.37 8.13 11.99
N GLY A 56 -0.75 8.84 11.88
CA GLY A 56 -0.84 9.90 10.90
C GLY A 56 -1.41 9.46 9.55
N PHE A 57 -1.90 8.20 9.50
CA PHE A 57 -2.67 7.77 8.32
C PHE A 57 -4.00 8.49 8.14
N THR A 58 -4.41 8.66 6.88
CA THR A 58 -5.65 9.34 6.58
C THR A 58 -6.66 8.42 5.89
N ALA A 59 -6.27 7.16 5.70
CA ALA A 59 -7.11 6.21 4.96
C ALA A 59 -6.73 4.79 5.31
N ILE A 60 -7.67 3.86 5.11
CA ILE A 60 -7.30 2.46 5.21
C ILE A 60 -7.73 1.71 3.97
N TRP A 61 -7.00 0.66 3.64
CA TRP A 61 -7.33 -0.26 2.53
C TRP A 61 -7.62 -1.58 3.20
N ILE A 62 -8.86 -2.07 3.06
CA ILE A 62 -9.20 -3.37 3.66
C ILE A 62 -9.39 -4.41 2.55
N THR A 63 -9.24 -5.70 2.92
CA THR A 63 -9.29 -6.79 1.92
C THR A 63 -10.76 -7.00 1.49
N PRO A 64 -10.98 -7.78 0.42
CA PRO A 64 -12.31 -7.81 -0.22
C PRO A 64 -13.44 -8.20 0.71
N VAL A 65 -14.63 -7.69 0.42
CA VAL A 65 -15.76 -7.84 1.31
C VAL A 65 -16.82 -8.86 0.88
N THR A 66 -16.71 -9.39 -0.35
CA THR A 66 -17.73 -10.24 -0.93
C THR A 66 -17.75 -11.64 -0.26
N ALA A 67 -18.90 -12.30 -0.32
CA ALA A 67 -19.06 -13.65 0.24
C ALA A 67 -18.14 -14.57 -0.54
N GLN A 68 -17.47 -15.44 0.20
CA GLN A 68 -16.43 -16.30 -0.34
C GLN A 68 -16.88 -17.74 -0.45
N LEU A 69 -16.03 -18.55 -1.08
CA LEU A 69 -16.26 -19.97 -0.96
C LEU A 69 -16.25 -20.34 0.55
N PRO A 70 -17.16 -21.23 0.98
CA PRO A 70 -17.32 -21.49 2.42
C PRO A 70 -16.39 -22.60 2.98
N GLN A 71 -15.83 -23.41 2.09
CA GLN A 71 -15.07 -24.58 2.54
C GLN A 71 -13.74 -24.27 3.23
N THR A 72 -13.30 -25.19 4.07
CA THR A 72 -11.90 -25.18 4.47
C THR A 72 -11.27 -26.15 3.48
N THR A 73 -10.33 -25.63 2.70
CA THR A 73 -9.68 -26.41 1.67
C THR A 73 -8.32 -26.85 2.16
N ALA A 74 -7.57 -27.60 1.31
CA ALA A 74 -6.24 -27.97 1.70
C ALA A 74 -5.31 -26.77 1.82
N TYR A 75 -5.72 -25.63 1.26
CA TYR A 75 -5.00 -24.37 1.45
C TYR A 75 -5.67 -23.46 2.48
N GLY A 76 -6.54 -24.03 3.32
CA GLY A 76 -7.25 -23.24 4.32
C GLY A 76 -8.54 -22.59 3.85
N ASP A 77 -8.95 -21.57 4.59
CA ASP A 77 -10.20 -20.85 4.37
C ASP A 77 -9.95 -19.61 3.52
N ALA A 78 -11.04 -19.01 3.04
CA ALA A 78 -10.94 -17.78 2.26
C ALA A 78 -10.77 -16.54 3.14
N TYR A 79 -9.87 -16.61 4.14
CA TYR A 79 -9.82 -15.55 5.15
C TYR A 79 -9.36 -14.22 4.55
N HIS A 80 -8.65 -14.31 3.43
CA HIS A 80 -8.04 -13.17 2.74
C HIS A 80 -9.00 -12.45 1.79
N GLY A 81 -10.13 -13.06 1.44
CA GLY A 81 -11.14 -12.35 0.62
C GLY A 81 -11.02 -12.51 -0.88
N TYR A 82 -10.01 -13.25 -1.37
CA TYR A 82 -9.77 -13.25 -2.82
C TYR A 82 -10.41 -14.40 -3.59
N TRP A 83 -11.25 -15.17 -2.91
CA TRP A 83 -11.92 -16.36 -3.45
C TRP A 83 -13.45 -16.20 -3.41
N GLN A 84 -14.00 -15.21 -4.10
CA GLN A 84 -15.40 -14.87 -3.93
C GLN A 84 -16.28 -15.88 -4.67
N GLN A 85 -17.52 -15.99 -4.20
CA GLN A 85 -18.55 -16.77 -4.88
C GLN A 85 -19.86 -16.05 -5.07
N ASP A 86 -20.27 -15.19 -4.12
CA ASP A 86 -21.56 -14.47 -4.24
C ASP A 86 -21.32 -12.98 -4.07
N ILE A 87 -21.27 -12.23 -5.17
CA ILE A 87 -20.77 -10.85 -5.10
C ILE A 87 -21.80 -9.88 -4.51
N TYR A 88 -23.06 -10.33 -4.42
CA TYR A 88 -24.12 -9.52 -3.85
C TYR A 88 -24.37 -9.80 -2.38
N SER A 89 -23.55 -10.67 -1.79
CA SER A 89 -23.60 -10.90 -0.33
C SER A 89 -22.25 -10.52 0.23
N LEU A 90 -22.22 -10.27 1.54
CA LEU A 90 -20.95 -9.95 2.21
C LEU A 90 -20.42 -11.16 2.95
N ASN A 91 -19.13 -11.12 3.24
CA ASN A 91 -18.48 -12.19 4.01
C ASN A 91 -18.88 -12.06 5.48
N GLU A 92 -19.79 -12.95 5.92
CA GLU A 92 -20.35 -12.92 7.27
C GLU A 92 -19.31 -13.02 8.39
N ASN A 93 -18.13 -13.53 8.05
CA ASN A 93 -17.10 -13.61 9.05
C ASN A 93 -16.74 -12.22 9.58
N TYR A 94 -16.86 -11.20 8.72
CA TYR A 94 -16.40 -9.87 9.13
C TYR A 94 -17.45 -9.02 9.78
N GLY A 95 -18.70 -9.46 9.68
CA GLY A 95 -19.85 -8.68 10.18
C GLY A 95 -21.00 -8.61 9.18
N THR A 96 -21.85 -7.61 9.34
CA THR A 96 -23.04 -7.46 8.54
C THR A 96 -22.91 -6.22 7.66
N ALA A 97 -23.89 -6.02 6.79
CA ALA A 97 -23.90 -4.79 5.98
C ALA A 97 -23.85 -3.57 6.88
N ASP A 98 -24.56 -3.62 7.99
CA ASP A 98 -24.61 -2.49 8.88
C ASP A 98 -23.23 -2.22 9.48
N ASP A 99 -22.46 -3.28 9.71
CA ASP A 99 -21.12 -3.10 10.27
C ASP A 99 -20.18 -2.44 9.24
N LEU A 100 -20.30 -2.83 7.98
CA LEU A 100 -19.42 -2.24 6.94
C LEU A 100 -19.77 -0.79 6.77
N LYS A 101 -21.08 -0.47 6.75
CA LYS A 101 -21.50 0.93 6.72
C LYS A 101 -21.01 1.71 7.95
N ALA A 102 -21.01 1.06 9.12
CA ALA A 102 -20.51 1.70 10.34
C ALA A 102 -19.02 2.03 10.27
N LEU A 103 -18.27 1.15 9.62
CA LEU A 103 -16.83 1.37 9.43
C LEU A 103 -16.61 2.60 8.54
N SER A 104 -17.30 2.67 7.40
CA SER A 104 -17.12 3.82 6.50
C SER A 104 -17.52 5.10 7.22
N SER A 105 -18.63 5.04 7.96
CA SER A 105 -19.08 6.18 8.76
C SER A 105 -18.03 6.62 9.78
N ALA A 106 -17.49 5.65 10.50
CA ALA A 106 -16.49 5.98 11.52
C ALA A 106 -15.26 6.65 10.91
N LEU A 107 -14.85 6.18 9.74
CA LEU A 107 -13.69 6.78 9.09
C LEU A 107 -14.01 8.21 8.67
N HIS A 108 -15.22 8.39 8.14
CA HIS A 108 -15.62 9.71 7.71
C HIS A 108 -15.70 10.73 8.82
N GLU A 109 -16.14 10.30 10.00
CA GLU A 109 -16.22 11.21 11.15
C GLU A 109 -14.84 11.69 11.60
N ARG A 110 -13.83 10.94 11.19
CA ARG A 110 -12.41 11.23 11.54
C ARG A 110 -11.70 11.93 10.38
N GLY A 111 -12.44 12.24 9.32
CA GLY A 111 -11.87 12.86 8.14
C GLY A 111 -10.92 11.91 7.40
N MET A 112 -11.22 10.62 7.48
CA MET A 112 -10.45 9.56 6.81
C MET A 112 -11.25 8.94 5.68
N TYR A 113 -10.55 8.20 4.80
CA TYR A 113 -11.19 7.52 3.68
C TYR A 113 -11.15 6.01 3.87
N LEU A 114 -12.13 5.36 3.26
CA LEU A 114 -12.17 3.90 3.19
C LEU A 114 -11.85 3.48 1.77
N MET A 115 -10.84 2.65 1.61
CA MET A 115 -10.55 2.01 0.33
C MET A 115 -10.83 0.52 0.50
N VAL A 116 -11.55 -0.05 -0.46
CA VAL A 116 -11.90 -1.46 -0.44
C VAL A 116 -11.26 -2.21 -1.62
N ASP A 117 -10.69 -3.37 -1.30
CA ASP A 117 -10.05 -4.24 -2.29
C ASP A 117 -11.18 -4.96 -3.08
N VAL A 118 -11.07 -5.01 -4.41
CA VAL A 118 -12.09 -5.70 -5.22
C VAL A 118 -11.41 -6.58 -6.25
N VAL A 119 -12.04 -7.71 -6.54
CA VAL A 119 -11.56 -8.62 -7.57
C VAL A 119 -12.61 -8.68 -8.70
N ALA A 120 -12.18 -8.49 -9.95
CA ALA A 120 -13.08 -8.64 -11.10
C ALA A 120 -12.65 -9.85 -11.92
N ASN A 121 -11.39 -10.26 -11.76
CA ASN A 121 -10.83 -11.30 -12.64
C ASN A 121 -11.47 -12.68 -12.46
N HIS A 122 -11.80 -13.05 -11.22
CA HIS A 122 -12.08 -14.46 -10.93
C HIS A 122 -12.99 -14.67 -9.73
N MET A 123 -13.61 -15.85 -9.73
CA MET A 123 -14.26 -16.39 -8.54
C MET A 123 -13.27 -17.38 -7.92
N GLY A 124 -13.62 -17.97 -6.78
CA GLY A 124 -12.78 -19.05 -6.20
C GLY A 124 -13.58 -20.33 -6.06
N TYR A 125 -12.93 -21.50 -6.18
CA TYR A 125 -13.66 -22.76 -6.08
C TYR A 125 -12.82 -23.83 -5.37
N ASP A 126 -13.43 -24.55 -4.43
CA ASP A 126 -12.75 -25.66 -3.77
C ASP A 126 -12.74 -26.91 -4.66
N GLY A 127 -11.69 -27.07 -5.45
CA GLY A 127 -11.56 -28.27 -6.26
C GLY A 127 -11.03 -28.06 -7.66
N ALA A 128 -10.98 -29.14 -8.43
CA ALA A 128 -10.34 -29.14 -9.74
C ALA A 128 -11.07 -28.26 -10.74
N GLY A 129 -10.31 -27.62 -11.62
CA GLY A 129 -10.90 -26.74 -12.64
C GLY A 129 -11.92 -27.45 -13.53
N SER A 130 -11.68 -28.72 -13.81
CA SER A 130 -12.57 -29.52 -14.61
C SER A 130 -13.87 -29.87 -13.90
N SER A 131 -13.88 -29.77 -12.58
CA SER A 131 -15.04 -30.26 -11.84
C SER A 131 -15.91 -29.12 -11.35
N VAL A 132 -15.62 -27.91 -11.80
CA VAL A 132 -16.30 -26.77 -11.20
C VAL A 132 -17.80 -26.83 -11.43
N ASP A 133 -18.55 -26.69 -10.35
CA ASP A 133 -20.00 -26.53 -10.41
C ASP A 133 -20.35 -25.05 -10.49
N TYR A 134 -20.57 -24.54 -11.71
CA TYR A 134 -20.79 -23.11 -11.90
C TYR A 134 -22.06 -22.55 -11.24
N SER A 135 -23.00 -23.42 -10.87
CA SER A 135 -24.24 -22.93 -10.29
C SER A 135 -24.03 -22.32 -8.91
N VAL A 136 -22.84 -22.51 -8.32
CA VAL A 136 -22.63 -21.97 -6.98
C VAL A 136 -22.27 -20.50 -7.03
N PHE A 137 -21.90 -19.98 -8.21
CA PHE A 137 -21.54 -18.57 -8.31
C PHE A 137 -22.78 -17.71 -8.51
N LYS A 138 -22.83 -16.58 -7.82
CA LYS A 138 -23.92 -15.62 -7.97
C LYS A 138 -23.33 -14.25 -8.27
N PRO A 139 -23.75 -13.63 -9.36
CA PRO A 139 -24.80 -14.08 -10.31
C PRO A 139 -24.29 -14.86 -11.51
N PHE A 140 -22.98 -15.13 -11.55
CA PHE A 140 -22.34 -15.76 -12.72
C PHE A 140 -22.52 -17.27 -12.70
N SER A 141 -23.79 -17.72 -12.75
CA SER A 141 -24.12 -19.10 -12.39
C SER A 141 -24.07 -20.07 -13.57
N SER A 142 -23.19 -19.77 -14.53
CA SER A 142 -23.13 -20.60 -15.72
C SER A 142 -21.72 -20.55 -16.30
N GLN A 143 -21.27 -21.69 -16.82
CA GLN A 143 -19.98 -21.78 -17.51
C GLN A 143 -19.89 -20.71 -18.60
N ASP A 144 -21.03 -20.33 -19.19
CA ASP A 144 -21.04 -19.34 -20.25
C ASP A 144 -20.46 -17.98 -19.88
N TYR A 145 -20.33 -17.69 -18.58
CA TYR A 145 -19.76 -16.43 -18.18
C TYR A 145 -18.23 -16.49 -18.12
N PHE A 146 -17.66 -17.68 -18.29
CA PHE A 146 -16.24 -17.85 -18.02
C PHE A 146 -15.37 -18.20 -19.24
N HIS A 147 -14.08 -17.86 -19.14
CA HIS A 147 -13.12 -18.37 -20.11
C HIS A 147 -13.00 -19.89 -19.93
N PRO A 148 -12.76 -20.62 -21.04
CA PRO A 148 -12.58 -22.06 -20.96
C PRO A 148 -11.49 -22.43 -19.98
N PHE A 149 -11.63 -23.57 -19.34
CA PHE A 149 -10.67 -23.93 -18.29
C PHE A 149 -9.30 -24.30 -18.83
N CYS A 150 -8.29 -23.51 -18.43
CA CYS A 150 -6.89 -23.82 -18.64
C CYS A 150 -6.15 -23.03 -17.60
N PHE A 151 -5.05 -23.56 -17.10
CA PHE A 151 -4.25 -22.81 -16.13
C PHE A 151 -3.15 -22.07 -16.86
N ILE A 152 -2.88 -20.86 -16.39
CA ILE A 152 -1.79 -20.07 -16.98
C ILE A 152 -0.46 -20.85 -16.86
N GLN A 153 0.26 -20.94 -17.97
CA GLN A 153 1.52 -21.71 -18.07
C GLN A 153 2.73 -20.80 -18.20
N ASN A 154 2.55 -19.74 -18.98
CA ASN A 154 3.64 -18.83 -19.36
C ASN A 154 3.28 -17.38 -19.04
N TYR A 155 3.82 -16.84 -17.96
CA TYR A 155 3.45 -15.50 -17.56
C TYR A 155 4.04 -14.42 -18.47
N GLU A 156 4.88 -14.83 -19.41
CA GLU A 156 5.41 -13.91 -20.43
C GLU A 156 4.46 -13.73 -21.58
N ASP A 157 3.43 -14.58 -21.65
CA ASP A 157 2.48 -14.55 -22.76
C ASP A 157 1.23 -13.84 -22.27
N GLN A 158 1.08 -12.57 -22.63
CA GLN A 158 0.00 -11.75 -22.07
C GLN A 158 -1.39 -12.28 -22.43
N THR A 159 -1.52 -12.95 -23.57
CA THR A 159 -2.84 -13.51 -23.91
C THR A 159 -3.25 -14.55 -22.89
N GLN A 160 -2.32 -15.43 -22.56
CA GLN A 160 -2.55 -16.48 -21.56
C GLN A 160 -2.81 -15.84 -20.20
N VAL A 161 -2.01 -14.84 -19.88
CA VAL A 161 -2.14 -14.16 -18.59
C VAL A 161 -3.56 -13.62 -18.40
N GLU A 162 -4.18 -13.18 -19.50
CA GLU A 162 -5.53 -12.62 -19.37
C GLU A 162 -6.62 -13.70 -19.52
N ASP A 163 -6.40 -14.65 -20.44
CA ASP A 163 -7.45 -15.59 -20.80
C ASP A 163 -7.47 -16.91 -20.01
N CYS A 164 -6.35 -17.32 -19.41
CA CYS A 164 -6.34 -18.58 -18.66
C CYS A 164 -6.50 -18.31 -17.17
N TRP A 165 -6.63 -19.39 -16.39
CA TRP A 165 -7.04 -19.26 -15.01
C TRP A 165 -5.85 -19.25 -14.04
N LEU A 166 -6.00 -18.45 -13.01
CA LEU A 166 -5.14 -18.55 -11.85
C LEU A 166 -5.51 -19.77 -11.00
N GLY A 167 -4.68 -20.03 -9.99
CA GLY A 167 -4.94 -21.10 -9.06
C GLY A 167 -4.47 -22.44 -9.60
N ASP A 168 -4.96 -23.51 -9.00
CA ASP A 168 -4.55 -24.85 -9.43
C ASP A 168 -5.72 -25.79 -9.17
N ASN A 169 -5.48 -27.10 -9.18
CA ASN A 169 -6.59 -28.04 -8.99
C ASN A 169 -6.96 -28.29 -7.52
N THR A 170 -6.29 -27.63 -6.59
CA THR A 170 -6.73 -27.68 -5.19
C THR A 170 -7.69 -26.52 -4.91
N VAL A 171 -7.26 -25.31 -5.25
CA VAL A 171 -8.22 -24.19 -5.22
C VAL A 171 -8.10 -23.52 -6.57
N SER A 172 -9.15 -23.64 -7.38
CA SER A 172 -9.11 -23.08 -8.73
C SER A 172 -9.77 -21.74 -8.71
N LEU A 173 -9.39 -20.85 -9.63
CA LEU A 173 -9.95 -19.50 -9.64
C LEU A 173 -10.64 -19.24 -10.99
N PRO A 174 -11.89 -19.72 -11.13
CA PRO A 174 -12.52 -19.60 -12.45
C PRO A 174 -12.49 -18.19 -13.03
N ASP A 175 -12.00 -18.09 -14.26
CA ASP A 175 -11.65 -16.80 -14.87
C ASP A 175 -12.83 -16.23 -15.66
N LEU A 176 -13.37 -15.11 -15.19
CA LEU A 176 -14.53 -14.51 -15.89
C LEU A 176 -14.14 -14.03 -17.29
N ASP A 177 -15.03 -14.23 -18.27
CA ASP A 177 -14.73 -13.70 -19.60
C ASP A 177 -15.09 -12.22 -19.66
N THR A 178 -14.12 -11.39 -19.24
CA THR A 178 -14.31 -9.97 -19.12
C THR A 178 -14.40 -9.25 -20.47
N THR A 179 -14.38 -10.02 -21.58
CA THR A 179 -14.58 -9.41 -22.89
C THR A 179 -16.06 -9.44 -23.27
N LYS A 180 -16.89 -10.18 -22.51
CA LYS A 180 -18.32 -10.26 -22.83
C LYS A 180 -19.09 -9.08 -22.27
N ASP A 181 -19.99 -8.54 -23.07
CA ASP A 181 -20.82 -7.46 -22.57
C ASP A 181 -21.62 -7.82 -21.32
N VAL A 182 -22.14 -9.04 -21.22
CA VAL A 182 -22.95 -9.36 -20.05
C VAL A 182 -22.08 -9.34 -18.79
N VAL A 183 -20.82 -9.75 -18.93
CA VAL A 183 -19.89 -9.70 -17.80
C VAL A 183 -19.51 -8.28 -17.45
N LYS A 184 -19.12 -7.49 -18.45
CA LYS A 184 -18.80 -6.09 -18.22
C LYS A 184 -19.96 -5.37 -17.56
N ASN A 185 -21.14 -5.51 -18.14
CA ASN A 185 -22.29 -4.74 -17.63
C ASN A 185 -22.61 -5.15 -16.20
N GLU A 186 -22.48 -6.44 -15.90
CA GLU A 186 -22.79 -6.90 -14.56
C GLU A 186 -21.76 -6.31 -13.58
N TRP A 187 -20.47 -6.40 -13.90
CA TRP A 187 -19.45 -5.85 -13.00
C TRP A 187 -19.59 -4.33 -12.84
N TYR A 188 -19.92 -3.62 -13.92
CA TYR A 188 -20.02 -2.16 -13.85
C TYR A 188 -21.21 -1.75 -12.96
N ASP A 189 -22.33 -2.46 -13.08
CA ASP A 189 -23.48 -2.23 -12.19
C ASP A 189 -23.06 -2.48 -10.73
N TRP A 190 -22.43 -3.63 -10.50
CA TRP A 190 -21.99 -4.03 -9.19
C TRP A 190 -21.10 -2.99 -8.53
N VAL A 191 -20.06 -2.55 -9.22
CA VAL A 191 -19.04 -1.74 -8.52
C VAL A 191 -19.62 -0.36 -8.21
N GLY A 192 -20.46 0.18 -9.09
CA GLY A 192 -21.10 1.46 -8.80
C GLY A 192 -22.00 1.34 -7.59
N SER A 193 -22.76 0.25 -7.53
CA SER A 193 -23.68 0.04 -6.40
C SER A 193 -22.95 -0.32 -5.08
N LEU A 194 -21.81 -1.00 -5.19
CA LEU A 194 -21.01 -1.31 -4.01
C LEU A 194 -20.52 -0.01 -3.39
N VAL A 195 -19.98 0.87 -4.25
CA VAL A 195 -19.44 2.13 -3.79
C VAL A 195 -20.51 2.99 -3.13
N SER A 196 -21.68 3.02 -3.76
CA SER A 196 -22.82 3.79 -3.26
C SER A 196 -23.30 3.22 -1.94
N ASN A 197 -23.53 1.90 -1.89
CA ASN A 197 -24.14 1.31 -0.70
C ASN A 197 -23.28 1.49 0.54
N TYR A 198 -21.97 1.38 0.38
CA TYR A 198 -21.10 1.43 1.56
C TYR A 198 -20.30 2.74 1.69
N SER A 199 -20.65 3.74 0.87
CA SER A 199 -19.93 5.02 0.90
C SER A 199 -18.43 4.84 0.86
N ILE A 200 -17.96 4.06 -0.12
CA ILE A 200 -16.54 3.78 -0.28
C ILE A 200 -15.85 4.94 -1.03
N ASP A 201 -14.66 5.32 -0.58
CA ASP A 201 -13.97 6.48 -1.11
C ASP A 201 -12.98 6.19 -2.21
N GLY A 202 -12.53 4.93 -2.27
CA GLY A 202 -11.52 4.54 -3.26
C GLY A 202 -11.52 3.03 -3.35
N LEU A 203 -10.96 2.48 -4.45
CA LEU A 203 -10.81 1.04 -4.55
C LEU A 203 -9.39 0.65 -4.86
N ARG A 204 -8.98 -0.51 -4.34
CA ARG A 204 -7.74 -1.15 -4.78
C ARG A 204 -8.20 -2.31 -5.58
N ILE A 205 -7.70 -2.40 -6.81
CA ILE A 205 -8.19 -3.42 -7.74
C ILE A 205 -7.15 -4.54 -7.87
N ASP A 206 -7.57 -5.75 -7.53
CA ASP A 206 -6.70 -6.90 -7.53
C ASP A 206 -6.46 -7.36 -8.95
N THR A 207 -5.34 -8.06 -9.15
CA THR A 207 -5.10 -8.85 -10.39
C THR A 207 -5.39 -8.11 -11.71
N VAL A 208 -4.97 -6.86 -11.77
CA VAL A 208 -5.32 -6.03 -12.93
C VAL A 208 -4.73 -6.56 -14.27
N LYS A 209 -3.51 -7.07 -14.22
CA LYS A 209 -2.82 -7.52 -15.45
C LYS A 209 -3.50 -8.77 -16.02
N HIS A 210 -4.38 -9.41 -15.23
CA HIS A 210 -5.02 -10.63 -15.68
C HIS A 210 -6.35 -10.37 -16.37
N VAL A 211 -6.71 -9.09 -16.54
CA VAL A 211 -7.95 -8.68 -17.25
C VAL A 211 -7.56 -7.73 -18.36
N GLN A 212 -8.11 -7.93 -19.57
CA GLN A 212 -7.71 -7.10 -20.72
C GLN A 212 -7.92 -5.61 -20.47
N LYS A 213 -7.03 -4.80 -21.01
CA LYS A 213 -6.99 -3.39 -20.69
C LYS A 213 -8.30 -2.68 -20.93
N ASP A 214 -9.01 -3.06 -21.98
CA ASP A 214 -10.23 -2.35 -22.38
C ASP A 214 -11.43 -2.66 -21.50
N PHE A 215 -11.18 -3.37 -20.40
CA PHE A 215 -12.19 -3.58 -19.35
C PHE A 215 -12.13 -2.43 -18.35
N TRP A 216 -10.91 -1.91 -18.13
CA TRP A 216 -10.69 -1.08 -16.96
C TRP A 216 -11.29 0.34 -17.01
N PRO A 217 -11.22 1.06 -18.15
CA PRO A 217 -11.78 2.42 -18.13
C PRO A 217 -13.26 2.46 -17.71
N GLY A 218 -14.06 1.53 -18.25
CA GLY A 218 -15.47 1.45 -17.88
C GLY A 218 -15.71 1.09 -16.43
N TYR A 219 -14.84 0.23 -15.89
CA TYR A 219 -14.94 -0.16 -14.49
C TYR A 219 -14.60 1.04 -13.58
N ASN A 220 -13.50 1.74 -13.90
CA ASN A 220 -13.03 2.89 -13.11
C ASN A 220 -14.13 3.99 -13.17
N LYS A 221 -14.77 4.19 -14.33
CA LYS A 221 -15.84 5.19 -14.44
C LYS A 221 -17.03 4.77 -13.61
N ALA A 222 -17.42 3.49 -13.73
CA ALA A 222 -18.58 2.99 -12.99
C ALA A 222 -18.38 3.11 -11.47
N ALA A 223 -17.14 2.89 -11.01
CA ALA A 223 -16.81 2.98 -9.58
C ALA A 223 -17.07 4.41 -9.11
N GLY A 224 -16.65 5.37 -9.95
CA GLY A 224 -16.85 6.80 -9.67
C GLY A 224 -15.92 7.38 -8.64
N VAL A 225 -14.88 6.61 -8.31
CA VAL A 225 -13.89 7.00 -7.31
C VAL A 225 -12.49 6.64 -7.83
N TYR A 226 -11.47 7.14 -7.15
CA TYR A 226 -10.09 6.78 -7.47
C TYR A 226 -9.93 5.26 -7.36
N CYS A 227 -9.30 4.66 -8.38
CA CYS A 227 -8.93 3.26 -8.34
C CYS A 227 -7.44 3.12 -8.50
N ILE A 228 -6.85 2.29 -7.63
CA ILE A 228 -5.43 1.97 -7.73
C ILE A 228 -5.33 0.48 -8.00
N GLY A 229 -4.62 0.14 -9.07
CA GLY A 229 -4.56 -1.25 -9.51
C GLY A 229 -3.29 -1.99 -9.09
N GLU A 230 -3.48 -3.27 -8.72
CA GLU A 230 -2.33 -4.17 -8.48
C GLU A 230 -1.88 -4.72 -9.82
N VAL A 231 -0.81 -4.14 -10.36
CA VAL A 231 -0.17 -4.71 -11.56
C VAL A 231 1.16 -5.32 -11.14
N LEU A 232 1.16 -6.63 -10.98
CA LEU A 232 2.28 -7.30 -10.32
C LEU A 232 3.45 -7.50 -11.31
N ASP A 233 4.23 -6.43 -11.51
CA ASP A 233 5.37 -6.50 -12.44
C ASP A 233 6.29 -5.34 -12.10
N GLY A 234 7.58 -5.62 -11.98
CA GLY A 234 8.57 -4.61 -11.63
C GLY A 234 9.08 -3.77 -12.80
N ASP A 235 8.67 -4.12 -14.02
CA ASP A 235 9.14 -3.38 -15.19
C ASP A 235 8.25 -2.19 -15.43
N PRO A 236 8.77 -0.97 -15.30
CA PRO A 236 7.91 0.22 -15.50
C PRO A 236 7.28 0.30 -16.89
N ALA A 237 7.94 -0.30 -17.89
CA ALA A 237 7.44 -0.30 -19.29
C ALA A 237 6.19 -1.18 -19.44
N TYR A 238 6.03 -2.12 -18.53
CA TYR A 238 4.85 -3.02 -18.51
C TYR A 238 3.80 -2.45 -17.60
N THR A 239 4.23 -1.97 -16.44
CA THR A 239 3.30 -1.54 -15.40
C THR A 239 2.74 -0.14 -15.54
N CYS A 240 3.57 0.84 -15.85
CA CYS A 240 3.06 2.22 -15.94
C CYS A 240 1.97 2.47 -16.99
N PRO A 241 2.06 1.82 -18.17
CA PRO A 241 0.98 1.98 -19.15
C PRO A 241 -0.40 1.60 -18.62
N TYR A 242 -0.50 0.81 -17.56
CA TYR A 242 -1.83 0.55 -17.04
C TYR A 242 -2.44 1.84 -16.46
N GLN A 243 -1.61 2.86 -16.20
CA GLN A 243 -2.16 4.13 -15.79
C GLN A 243 -2.95 4.86 -16.89
N ASN A 244 -2.89 4.36 -18.12
CA ASN A 244 -3.69 4.91 -19.21
C ASN A 244 -5.13 4.39 -19.14
N VAL A 245 -5.35 3.33 -18.35
CA VAL A 245 -6.70 2.73 -18.27
C VAL A 245 -7.29 2.82 -16.86
N MET A 246 -6.47 3.22 -15.88
CA MET A 246 -6.90 3.25 -14.50
C MET A 246 -6.16 4.40 -13.82
N ASP A 247 -6.75 5.01 -12.81
CA ASP A 247 -6.16 6.22 -12.20
C ASP A 247 -4.73 6.03 -11.70
N GLY A 248 -4.52 4.95 -10.96
CA GLY A 248 -3.20 4.68 -10.39
C GLY A 248 -2.86 3.19 -10.44
N VAL A 249 -1.59 2.88 -10.17
CA VAL A 249 -1.22 1.49 -9.92
C VAL A 249 -0.29 1.46 -8.72
N LEU A 250 -0.21 0.30 -8.07
CA LEU A 250 0.79 0.12 -7.01
C LEU A 250 2.18 0.21 -7.60
N ASN A 251 3.07 0.83 -6.85
CA ASN A 251 4.41 1.11 -7.41
C ASN A 251 5.35 -0.10 -7.31
N TYR A 252 5.00 -1.19 -7.99
CA TYR A 252 5.90 -2.33 -8.06
C TYR A 252 7.27 -2.02 -8.69
N PRO A 253 7.30 -1.14 -9.72
CA PRO A 253 8.67 -0.75 -10.20
C PRO A 253 9.65 -0.23 -9.13
N ILE A 254 9.17 0.62 -8.22
CA ILE A 254 10.01 1.15 -7.14
C ILE A 254 10.25 0.08 -6.06
N TYR A 255 9.25 -0.76 -5.82
CA TYR A 255 9.36 -1.83 -4.81
C TYR A 255 10.70 -2.55 -4.83
N TYR A 256 11.04 -3.12 -5.97
CA TYR A 256 12.24 -3.98 -6.05
C TYR A 256 13.56 -3.28 -5.69
N PRO A 257 13.89 -2.19 -6.39
CA PRO A 257 15.12 -1.45 -6.01
C PRO A 257 15.09 -0.79 -4.60
N LEU A 258 13.91 -0.38 -4.15
CA LEU A 258 13.75 0.15 -2.80
C LEU A 258 14.11 -0.93 -1.78
N LEU A 259 13.49 -2.11 -1.91
CA LEU A 259 13.80 -3.20 -1.00
C LEU A 259 15.28 -3.55 -1.08
N ASN A 260 15.83 -3.65 -2.29
CA ASN A 260 17.25 -4.03 -2.37
C ASN A 260 18.19 -3.01 -1.77
N ALA A 261 17.85 -1.72 -1.90
CA ALA A 261 18.76 -0.68 -1.38
C ALA A 261 18.93 -0.76 0.12
N PHE A 262 17.85 -1.16 0.82
CA PHE A 262 17.85 -1.05 2.30
C PHE A 262 17.81 -2.37 3.03
N LYS A 263 17.63 -3.45 2.31
CA LYS A 263 17.52 -4.73 3.01
C LYS A 263 18.86 -5.21 3.54
N SER A 264 19.94 -4.56 3.12
CA SER A 264 21.26 -4.88 3.69
C SER A 264 22.16 -3.67 3.55
N THR A 265 23.27 -3.67 4.28
CA THR A 265 24.16 -2.54 4.28
C THR A 265 24.95 -2.45 2.96
N SER A 266 24.75 -3.40 2.06
CA SER A 266 25.43 -3.31 0.77
C SER A 266 24.46 -3.14 -0.40
N GLY A 267 23.23 -2.73 -0.09
CA GLY A 267 22.22 -2.53 -1.14
C GLY A 267 22.60 -1.41 -2.10
N SER A 268 22.02 -1.39 -3.30
CA SER A 268 22.41 -0.41 -4.34
C SER A 268 21.56 0.84 -4.28
N MET A 269 22.18 1.94 -3.86
CA MET A 269 21.52 3.24 -3.96
C MET A 269 21.30 3.69 -5.42
N ASP A 270 22.27 3.41 -6.31
CA ASP A 270 22.15 3.73 -7.73
C ASP A 270 20.82 3.22 -8.34
N ASP A 271 20.51 1.94 -8.14
CA ASP A 271 19.29 1.38 -8.72
C ASP A 271 18.03 2.13 -8.28
N LEU A 272 17.97 2.52 -7.01
CA LEU A 272 16.80 3.23 -6.47
C LEU A 272 16.72 4.63 -7.05
N TYR A 273 17.84 5.37 -6.97
CA TYR A 273 17.94 6.69 -7.57
C TYR A 273 17.45 6.67 -9.02
N ASN A 274 17.94 5.72 -9.82
CA ASN A 274 17.58 5.66 -11.22
C ASN A 274 16.12 5.31 -11.45
N MET A 275 15.56 4.44 -10.61
CA MET A 275 14.15 4.08 -10.78
C MET A 275 13.23 5.23 -10.43
N ILE A 276 13.61 6.03 -9.43
CA ILE A 276 12.81 7.20 -9.08
C ILE A 276 12.68 8.07 -10.36
N ASN A 277 13.81 8.28 -11.04
CA ASN A 277 13.81 9.15 -12.21
C ASN A 277 13.09 8.50 -13.38
N THR A 278 13.20 7.18 -13.48
CA THR A 278 12.59 6.46 -14.58
C THR A 278 11.08 6.54 -14.47
N VAL A 279 10.58 6.34 -13.25
CA VAL A 279 9.13 6.39 -13.01
C VAL A 279 8.60 7.82 -13.17
N LYS A 280 9.38 8.79 -12.70
CA LYS A 280 9.00 10.19 -12.81
C LYS A 280 8.73 10.57 -14.26
N SER A 281 9.60 10.11 -15.16
CA SER A 281 9.52 10.59 -16.53
C SER A 281 8.66 9.70 -17.41
N ASP A 282 8.56 8.42 -17.06
CA ASP A 282 7.90 7.44 -17.93
C ASP A 282 6.45 7.09 -17.55
N CYS A 283 6.08 7.28 -16.29
CA CYS A 283 4.72 6.97 -15.90
C CYS A 283 3.82 8.16 -16.08
N PRO A 284 2.59 7.90 -16.57
CA PRO A 284 1.66 9.00 -16.80
C PRO A 284 1.63 9.98 -15.61
N ASP A 285 1.54 9.46 -14.40
CA ASP A 285 1.64 10.37 -13.25
C ASP A 285 2.10 9.65 -11.99
N SER A 286 3.39 9.81 -11.68
CA SER A 286 3.99 9.23 -10.47
C SER A 286 3.24 9.61 -9.21
N THR A 287 2.57 10.76 -9.21
CA THR A 287 1.90 11.19 -7.98
C THR A 287 0.58 10.51 -7.70
N LEU A 288 0.15 9.64 -8.62
CA LEU A 288 -1.05 8.83 -8.38
C LEU A 288 -0.75 7.35 -8.12
N LEU A 289 0.52 7.00 -7.97
CA LEU A 289 0.92 5.61 -7.68
C LEU A 289 0.97 5.43 -6.19
N GLY A 290 1.06 4.18 -5.76
CA GLY A 290 1.09 3.88 -4.33
C GLY A 290 2.43 3.28 -3.94
N THR A 291 3.18 3.92 -3.02
CA THR A 291 4.51 3.42 -2.68
C THR A 291 4.44 2.45 -1.50
N PHE A 292 5.17 1.36 -1.60
CA PHE A 292 5.17 0.37 -0.54
C PHE A 292 6.49 -0.42 -0.53
N VAL A 293 6.83 -1.03 0.60
CA VAL A 293 7.90 -2.01 0.64
C VAL A 293 7.49 -3.30 1.33
N GLU A 294 6.23 -3.38 1.74
CA GLU A 294 5.77 -4.52 2.49
C GLU A 294 4.31 -4.76 2.14
N ASN A 295 3.97 -6.02 1.86
CA ASN A 295 2.54 -6.37 1.64
C ASN A 295 2.35 -7.85 1.92
N HIS A 296 1.16 -8.37 1.56
CA HIS A 296 0.80 -9.71 1.92
C HIS A 296 1.19 -10.72 0.85
N ASP A 297 1.92 -10.26 -0.17
CA ASP A 297 2.31 -11.12 -1.31
C ASP A 297 3.82 -11.22 -1.47
N ASN A 298 4.57 -10.69 -0.50
CA ASN A 298 6.02 -10.76 -0.51
C ASN A 298 6.52 -10.91 0.95
N PRO A 299 7.74 -11.41 1.13
CA PRO A 299 8.27 -11.48 2.51
C PRO A 299 8.27 -10.07 3.11
N ARG A 300 7.97 -9.93 4.40
CA ARG A 300 8.06 -8.59 5.02
C ARG A 300 9.47 -8.03 5.05
N PHE A 301 9.59 -6.70 5.19
CA PHE A 301 10.92 -6.11 5.13
C PHE A 301 11.85 -6.74 6.19
N ALA A 302 11.35 -6.85 7.41
CA ALA A 302 12.16 -7.38 8.53
C ALA A 302 12.47 -8.89 8.40
N SER A 303 11.81 -9.56 7.45
CA SER A 303 12.21 -10.94 7.15
C SER A 303 13.59 -11.03 6.50
N TYR A 304 14.05 -9.93 5.89
CA TYR A 304 15.36 -9.86 5.24
C TYR A 304 16.48 -9.44 6.22
N THR A 305 16.13 -8.49 7.08
CA THR A 305 17.07 -8.00 8.09
C THR A 305 16.31 -7.48 9.27
N ASN A 306 16.83 -7.72 10.47
CA ASN A 306 16.18 -7.25 11.70
C ASN A 306 16.68 -5.88 12.12
N ASP A 307 17.50 -5.26 11.29
CA ASP A 307 18.13 -3.99 11.67
C ASP A 307 17.06 -2.90 11.72
N ILE A 308 16.84 -2.33 12.91
CA ILE A 308 15.78 -1.35 13.09
C ILE A 308 16.05 -0.05 12.31
N ALA A 309 17.32 0.37 12.20
CA ALA A 309 17.61 1.59 11.41
C ALA A 309 17.25 1.41 9.93
N LEU A 310 17.62 0.27 9.36
CA LEU A 310 17.21 -0.01 7.96
C LEU A 310 15.71 0.04 7.81
N ALA A 311 14.97 -0.50 8.78
CA ALA A 311 13.48 -0.49 8.67
C ALA A 311 12.95 0.93 8.78
N LYS A 312 13.61 1.76 9.60
CA LYS A 312 13.21 3.16 9.72
C LYS A 312 13.43 3.92 8.41
N ASN A 313 14.58 3.70 7.77
CA ASN A 313 14.82 4.36 6.49
C ASN A 313 13.82 3.99 5.39
N VAL A 314 13.49 2.71 5.26
CA VAL A 314 12.60 2.34 4.19
C VAL A 314 11.19 2.88 4.47
N ALA A 315 10.78 2.90 5.76
CA ALA A 315 9.48 3.47 6.09
C ALA A 315 9.44 4.98 5.78
N ALA A 316 10.50 5.70 6.15
CA ALA A 316 10.57 7.10 5.76
C ALA A 316 10.46 7.29 4.24
N PHE A 317 11.14 6.46 3.46
CA PHE A 317 11.08 6.63 2.02
C PHE A 317 9.63 6.50 1.50
N ILE A 318 8.95 5.46 1.98
CA ILE A 318 7.59 5.18 1.55
C ILE A 318 6.70 6.40 1.80
N ILE A 319 6.92 7.04 2.95
CA ILE A 319 6.03 8.16 3.29
C ILE A 319 6.35 9.41 2.47
N LEU A 320 7.62 9.58 2.11
CA LEU A 320 8.05 10.85 1.51
C LEU A 320 8.22 10.80 -0.02
N ASN A 321 8.10 9.62 -0.61
CA ASN A 321 8.17 9.47 -2.08
C ASN A 321 6.95 10.09 -2.77
N ASP A 322 7.04 10.32 -4.08
CA ASP A 322 5.83 10.70 -4.84
C ASP A 322 4.72 9.71 -4.57
N GLY A 323 3.47 10.19 -4.61
CA GLY A 323 2.34 9.25 -4.61
C GLY A 323 1.86 8.99 -3.19
N ILE A 324 1.05 7.96 -3.07
CA ILE A 324 0.33 7.72 -1.84
C ILE A 324 1.10 6.66 -1.04
N PRO A 325 1.60 7.01 0.14
CA PRO A 325 2.28 5.98 0.96
C PRO A 325 1.32 4.85 1.35
N ILE A 326 1.82 3.63 1.41
CA ILE A 326 1.01 2.49 1.83
C ILE A 326 1.84 1.58 2.76
N ILE A 327 1.46 1.57 4.03
CA ILE A 327 2.11 0.75 5.04
C ILE A 327 1.21 -0.44 5.34
N TYR A 328 1.79 -1.64 5.43
CA TYR A 328 1.00 -2.87 5.63
C TYR A 328 0.99 -3.23 7.12
N ALA A 329 -0.22 -3.33 7.68
CA ALA A 329 -0.42 -3.67 9.10
C ALA A 329 0.61 -4.67 9.62
N GLY A 330 1.34 -4.29 10.65
CA GLY A 330 2.41 -5.15 11.18
C GLY A 330 3.79 -4.55 10.89
N GLN A 331 3.92 -3.81 9.80
CA GLN A 331 5.21 -3.24 9.45
C GLN A 331 5.65 -2.34 10.58
N GLU A 332 4.68 -1.64 11.17
CA GLU A 332 4.99 -0.72 12.26
C GLU A 332 5.36 -1.40 13.58
N GLN A 333 5.11 -2.70 13.66
CA GLN A 333 5.53 -3.50 14.82
C GLN A 333 6.69 -4.42 14.44
N HIS A 334 7.32 -4.11 13.32
CA HIS A 334 8.55 -4.80 12.90
C HIS A 334 8.30 -6.31 12.69
N TYR A 335 7.14 -6.63 12.14
CA TYR A 335 6.82 -8.00 11.82
C TYR A 335 7.77 -8.52 10.75
N ALA A 336 8.07 -9.81 10.84
CA ALA A 336 9.16 -10.41 10.07
C ALA A 336 8.75 -11.67 9.31
N GLY A 337 7.45 -11.88 9.10
CA GLY A 337 7.02 -13.09 8.36
C GLY A 337 7.50 -13.09 6.90
N GLY A 338 7.84 -14.28 6.41
CA GLY A 338 8.18 -14.49 4.99
C GLY A 338 6.94 -14.63 4.11
N ASN A 339 7.09 -15.37 3.01
CA ASN A 339 5.99 -15.46 2.04
C ASN A 339 4.71 -16.12 2.57
N ASP A 340 3.58 -15.71 1.97
CA ASP A 340 2.25 -16.23 2.22
C ASP A 340 2.32 -17.74 2.55
N PRO A 341 1.74 -18.18 3.67
CA PRO A 341 0.92 -17.41 4.63
C PRO A 341 1.65 -16.69 5.79
N ALA A 342 2.98 -16.74 5.82
CA ALA A 342 3.70 -16.27 7.02
C ALA A 342 3.63 -14.74 7.20
N ASN A 343 3.28 -14.06 6.12
CA ASN A 343 3.13 -12.60 6.15
C ASN A 343 1.73 -12.10 6.44
N ARG A 344 0.86 -13.00 6.90
CA ARG A 344 -0.48 -12.61 7.31
C ARG A 344 -0.64 -12.72 8.84
N GLU A 345 0.39 -12.35 9.59
CA GLU A 345 0.30 -12.32 11.04
C GLU A 345 -0.79 -11.41 11.55
N ALA A 346 -1.45 -11.85 12.64
CA ALA A 346 -2.46 -10.99 13.27
C ALA A 346 -1.84 -9.77 13.96
N THR A 347 -2.34 -8.58 13.65
CA THR A 347 -1.78 -7.38 14.28
C THR A 347 -2.05 -7.33 15.77
N TRP A 348 -3.18 -7.90 16.21
CA TRP A 348 -3.52 -7.82 17.64
C TRP A 348 -2.49 -8.49 18.53
N LEU A 349 -1.79 -9.49 18.02
CA LEU A 349 -0.84 -10.22 18.87
C LEU A 349 0.31 -9.34 19.34
N SER A 350 0.49 -8.20 18.66
CA SER A 350 1.58 -7.27 19.06
C SER A 350 1.18 -6.54 20.33
N GLY A 351 -0.11 -6.52 20.66
CA GLY A 351 -0.62 -5.65 21.75
C GLY A 351 -0.85 -4.19 21.32
N TYR A 352 -0.60 -3.91 20.05
CA TYR A 352 -0.76 -2.58 19.50
C TYR A 352 -0.02 -1.46 20.25
N PRO A 353 1.26 -1.63 20.58
CA PRO A 353 1.94 -0.58 21.35
C PRO A 353 2.21 0.65 20.49
N THR A 354 1.87 1.82 21.01
CA THR A 354 2.06 3.07 20.26
C THR A 354 3.42 3.69 20.52
N ASP A 355 4.22 3.03 21.36
CA ASP A 355 5.58 3.48 21.57
C ASP A 355 6.63 2.59 20.92
N SER A 356 6.25 1.77 19.95
CA SER A 356 7.28 0.97 19.29
C SER A 356 8.13 1.91 18.42
N GLU A 357 9.37 1.51 18.14
CA GLU A 357 10.25 2.39 17.37
C GLU A 357 9.66 2.79 16.01
N LEU A 358 9.07 1.82 15.32
CA LEU A 358 8.55 2.13 13.98
C LEU A 358 7.21 2.88 14.02
N TYR A 359 6.38 2.61 15.03
CA TYR A 359 5.17 3.43 15.20
C TYR A 359 5.56 4.92 15.29
N LYS A 360 6.53 5.22 16.16
CA LYS A 360 6.96 6.60 16.34
C LYS A 360 7.60 7.15 15.09
N LEU A 361 8.38 6.33 14.39
CA LEU A 361 9.02 6.84 13.17
C LEU A 361 7.94 7.19 12.13
N ILE A 362 7.04 6.23 11.87
CA ILE A 362 5.93 6.45 10.95
C ILE A 362 5.09 7.67 11.32
N ALA A 363 4.76 7.82 12.62
CA ALA A 363 4.01 9.00 13.06
C ALA A 363 4.73 10.29 12.70
N SER A 364 6.04 10.33 12.99
CA SER A 364 6.83 11.53 12.73
C SER A 364 6.86 11.86 11.23
N ALA A 365 7.00 10.83 10.40
CA ALA A 365 7.08 11.06 8.95
C ALA A 365 5.73 11.47 8.37
N ASN A 366 4.66 10.75 8.73
CA ASN A 366 3.35 11.21 8.28
C ASN A 366 3.07 12.61 8.82
N ALA A 367 3.53 12.91 10.03
CA ALA A 367 3.22 14.22 10.62
C ALA A 367 3.76 15.34 9.73
N ILE A 368 5.00 15.19 9.29
CA ILE A 368 5.59 16.29 8.49
C ILE A 368 5.01 16.33 7.06
N ARG A 369 4.73 15.17 6.47
CA ARG A 369 4.07 15.11 5.15
C ARG A 369 2.70 15.79 5.23
N ASN A 370 1.89 15.41 6.23
CA ASN A 370 0.57 15.99 6.37
C ASN A 370 0.65 17.51 6.58
N TYR A 371 1.55 17.93 7.46
CA TYR A 371 1.71 19.34 7.69
C TYR A 371 2.15 20.09 6.43
N ALA A 372 3.15 19.55 5.73
CA ALA A 372 3.67 20.20 4.54
C ALA A 372 2.56 20.37 3.49
N ILE A 373 1.76 19.34 3.31
CA ILE A 373 0.63 19.39 2.41
C ILE A 373 -0.33 20.51 2.81
N SER A 374 -0.57 20.65 4.12
CA SER A 374 -1.51 21.68 4.56
C SER A 374 -1.01 23.09 4.27
N LYS A 375 0.30 23.24 4.10
CA LYS A 375 0.88 24.57 3.84
C LYS A 375 1.33 24.83 2.39
N ASP A 376 1.39 23.77 1.57
CA ASP A 376 1.98 23.87 0.23
C ASP A 376 1.07 23.12 -0.74
N THR A 377 0.23 23.87 -1.46
CA THR A 377 -0.73 23.25 -2.38
C THR A 377 -0.01 22.56 -3.53
N GLY A 378 1.28 22.85 -3.67
CA GLY A 378 2.06 22.26 -4.73
C GLY A 378 2.73 20.96 -4.35
N PHE A 379 2.69 20.62 -3.06
CA PHE A 379 3.50 19.50 -2.59
C PHE A 379 3.11 18.19 -3.28
N VAL A 380 1.81 17.91 -3.34
CA VAL A 380 1.41 16.60 -3.84
C VAL A 380 1.66 16.40 -5.32
N THR A 381 1.75 17.51 -6.11
CA THR A 381 2.00 17.38 -7.53
C THR A 381 3.47 17.64 -7.87
N TYR A 382 4.23 18.10 -6.89
CA TYR A 382 5.64 18.34 -7.07
C TYR A 382 6.38 17.02 -7.26
N LYS A 383 7.13 16.86 -8.36
CA LYS A 383 7.83 15.58 -8.57
C LYS A 383 9.05 15.39 -7.66
N ASN A 384 9.06 14.30 -6.88
CA ASN A 384 10.19 13.98 -6.02
C ASN A 384 11.46 13.84 -6.85
N TRP A 385 12.53 14.42 -6.33
CA TRP A 385 13.75 14.67 -7.08
C TRP A 385 14.96 14.17 -6.29
N PRO A 386 15.61 13.11 -6.77
CA PRO A 386 16.83 12.69 -6.07
C PRO A 386 17.93 13.73 -6.28
N ILE A 387 18.54 14.20 -5.20
CA ILE A 387 19.51 15.29 -5.29
C ILE A 387 20.92 14.87 -4.94
N TYR A 388 21.07 13.68 -4.35
CA TYR A 388 22.36 13.18 -3.93
C TYR A 388 22.37 11.66 -3.75
N LYS A 389 23.50 11.04 -4.07
CA LYS A 389 23.73 9.65 -3.69
C LYS A 389 25.19 9.36 -3.51
N ASP A 390 25.50 8.49 -2.56
CA ASP A 390 26.83 7.88 -2.48
C ASP A 390 26.64 6.41 -2.14
N ASP A 391 27.72 5.72 -1.80
CA ASP A 391 27.67 4.27 -1.59
C ASP A 391 26.58 3.86 -0.60
N THR A 392 26.30 4.72 0.37
CA THR A 392 25.42 4.30 1.48
C THR A 392 24.29 5.30 1.74
N THR A 393 24.07 6.23 0.81
CA THR A 393 23.18 7.35 1.09
C THR A 393 22.40 7.75 -0.15
N ILE A 394 21.14 8.08 0.05
CA ILE A 394 20.37 8.71 -1.02
C ILE A 394 19.61 9.86 -0.40
N ALA A 395 19.57 11.00 -1.08
CA ALA A 395 18.81 12.12 -0.58
C ALA A 395 17.89 12.58 -1.70
N MET A 396 16.74 13.11 -1.31
CA MET A 396 15.74 13.52 -2.26
C MET A 396 14.98 14.72 -1.73
N ARG A 397 14.33 15.46 -2.63
CA ARG A 397 13.70 16.72 -2.26
C ARG A 397 12.33 16.88 -2.94
N LYS A 398 11.31 17.21 -2.15
CA LYS A 398 9.96 17.30 -2.67
C LYS A 398 9.29 18.49 -2.01
N GLY A 399 8.66 19.34 -2.82
CA GLY A 399 7.99 20.50 -2.29
C GLY A 399 8.44 21.79 -2.95
N THR A 400 7.55 22.77 -2.96
CA THR A 400 7.81 24.07 -3.56
C THR A 400 8.99 24.79 -2.90
N ASP A 401 9.76 25.57 -3.69
CA ASP A 401 10.88 26.33 -3.14
C ASP A 401 10.42 27.08 -1.92
N GLY A 402 11.22 27.00 -0.85
CA GLY A 402 10.95 27.68 0.40
C GLY A 402 10.21 26.82 1.40
N SER A 403 9.66 25.71 0.90
CA SER A 403 8.85 24.81 1.73
C SER A 403 9.21 23.33 1.51
N GLN A 404 10.33 23.04 0.84
CA GLN A 404 10.59 21.68 0.43
C GLN A 404 11.03 20.83 1.63
N ILE A 405 10.61 19.58 1.59
CA ILE A 405 11.10 18.58 2.53
C ILE A 405 12.30 17.93 1.86
N VAL A 406 13.41 17.87 2.58
CA VAL A 406 14.61 17.23 2.05
C VAL A 406 14.96 16.04 2.94
N THR A 407 15.02 14.87 2.33
CA THR A 407 15.14 13.60 3.10
C THR A 407 16.45 12.93 2.77
N ILE A 408 17.19 12.52 3.80
CA ILE A 408 18.47 11.87 3.62
C ILE A 408 18.34 10.48 4.25
N LEU A 409 18.55 9.44 3.43
CA LEU A 409 18.40 8.06 3.91
C LEU A 409 19.72 7.35 3.79
N SER A 410 19.93 6.40 4.69
CA SER A 410 21.21 5.73 4.78
C SER A 410 20.97 4.23 4.87
N ASN A 411 21.86 3.45 4.26
CA ASN A 411 21.81 2.00 4.51
C ASN A 411 22.98 1.51 5.39
N LYS A 412 23.58 2.44 6.12
CA LYS A 412 24.64 2.05 7.08
C LYS A 412 24.17 1.12 8.21
N GLY A 413 22.88 1.22 8.56
CA GLY A 413 22.30 0.36 9.59
C GLY A 413 22.63 0.83 10.99
N ALA A 414 22.20 0.07 12.00
CA ALA A 414 22.25 0.50 13.39
C ALA A 414 23.65 0.73 13.93
N SER A 415 24.64 0.13 13.27
CA SER A 415 26.03 0.28 13.66
C SER A 415 26.74 1.43 12.94
N GLY A 416 25.97 2.23 12.23
CA GLY A 416 26.52 3.34 11.43
C GLY A 416 27.35 4.28 12.29
N ASP A 417 28.40 4.84 11.70
CA ASP A 417 29.26 5.78 12.42
C ASP A 417 28.62 7.18 12.52
N SER A 418 29.20 8.04 13.34
CA SER A 418 28.73 9.41 13.45
C SER A 418 29.65 10.29 12.63
N TYR A 419 29.10 10.97 11.61
CA TYR A 419 29.89 11.81 10.73
C TYR A 419 29.00 12.92 10.19
N THR A 420 29.62 13.88 9.48
CA THR A 420 28.85 14.98 8.94
C THR A 420 28.76 14.84 7.45
N LEU A 421 27.54 14.81 6.92
CA LEU A 421 27.38 14.75 5.47
C LEU A 421 27.26 16.15 4.89
N SER A 422 28.15 16.48 3.94
CA SER A 422 28.07 17.77 3.27
C SER A 422 27.09 17.66 2.10
N LEU A 423 25.83 18.03 2.34
CA LEU A 423 24.79 17.75 1.36
C LEU A 423 24.62 18.91 0.39
N SER A 424 24.81 18.63 -0.89
CA SER A 424 24.59 19.62 -1.94
C SER A 424 23.30 19.29 -2.71
N GLY A 425 22.68 20.33 -3.25
CA GLY A 425 21.51 20.14 -4.11
C GLY A 425 20.16 20.35 -3.46
N ALA A 426 20.14 20.67 -2.16
CA ALA A 426 18.86 20.76 -1.39
C ALA A 426 18.03 21.98 -1.77
N GLY A 427 18.69 23.03 -2.23
CA GLY A 427 17.98 24.19 -2.79
C GLY A 427 17.41 25.17 -1.80
N TYR A 428 17.83 25.07 -0.55
CA TYR A 428 17.49 26.08 0.46
C TYR A 428 18.37 27.33 0.29
N THR A 429 18.03 28.40 1.01
CA THR A 429 18.79 29.65 0.90
C THR A 429 19.87 29.71 1.98
N ALA A 430 20.98 30.37 1.66
CA ALA A 430 22.09 30.48 2.59
C ALA A 430 21.61 31.00 3.95
N GLY A 431 22.09 30.38 5.03
CA GLY A 431 21.75 30.82 6.38
C GLY A 431 20.40 30.36 6.93
N GLN A 432 19.59 29.72 6.11
CA GLN A 432 18.26 29.28 6.54
C GLN A 432 18.32 28.18 7.61
N GLN A 433 17.51 28.31 8.66
CA GLN A 433 17.46 27.27 9.68
C GLN A 433 16.50 26.16 9.29
N LEU A 434 16.94 24.92 9.46
CA LEU A 434 16.06 23.80 9.17
C LEU A 434 15.88 22.97 10.42
N THR A 435 14.75 22.32 10.49
CA THR A 435 14.50 21.36 11.56
C THR A 435 14.60 19.94 11.02
N GLU A 436 15.35 19.09 11.70
CA GLU A 436 15.37 17.68 11.40
C GLU A 436 14.20 17.07 12.21
N VAL A 437 13.14 16.72 11.52
CA VAL A 437 11.87 16.51 12.19
C VAL A 437 11.69 15.10 12.76
N ILE A 438 12.62 14.19 12.49
CA ILE A 438 12.51 12.84 13.11
C ILE A 438 13.06 12.85 14.54
N GLY A 439 14.23 13.48 14.71
CA GLY A 439 14.92 13.50 16.02
C GLY A 439 14.79 14.83 16.72
N CYS A 440 14.17 15.80 16.03
CA CYS A 440 13.93 17.15 16.54
C CYS A 440 15.21 17.83 16.96
N THR A 441 16.09 18.07 15.99
CA THR A 441 17.26 18.89 16.22
C THR A 441 17.25 19.93 15.11
N THR A 442 18.20 20.85 15.13
CA THR A 442 18.23 21.82 14.04
C THR A 442 19.55 21.89 13.28
N VAL A 443 19.46 22.25 12.00
CA VAL A 443 20.64 22.43 11.18
C VAL A 443 20.48 23.77 10.44
N THR A 444 21.60 24.40 10.10
CA THR A 444 21.57 25.66 9.38
C THR A 444 22.28 25.50 8.03
N VAL A 445 21.65 26.00 6.96
CA VAL A 445 22.22 25.95 5.62
C VAL A 445 23.43 26.89 5.56
N GLY A 446 24.51 26.43 4.93
CA GLY A 446 25.72 27.24 4.79
C GLY A 446 25.57 28.33 3.74
N SER A 447 26.52 29.26 3.75
CA SER A 447 26.52 30.39 2.83
C SER A 447 26.77 29.95 1.40
N ASP A 448 27.19 28.70 1.22
CA ASP A 448 27.40 28.16 -0.10
C ASP A 448 26.25 27.25 -0.52
N GLY A 449 25.15 27.29 0.24
CA GLY A 449 23.99 26.45 -0.04
C GLY A 449 24.07 25.04 0.52
N ASN A 450 25.27 24.59 0.86
CA ASN A 450 25.46 23.25 1.38
C ASN A 450 24.73 23.08 2.72
N VAL A 451 24.20 21.88 2.96
CA VAL A 451 23.59 21.60 4.25
C VAL A 451 24.47 20.59 5.00
N PRO A 452 25.04 21.01 6.15
CA PRO A 452 25.77 20.01 6.94
C PRO A 452 24.77 19.16 7.73
N VAL A 453 24.62 17.90 7.34
CA VAL A 453 23.66 17.04 8.03
C VAL A 453 24.35 16.07 9.00
N PRO A 454 24.11 16.21 10.31
CA PRO A 454 24.74 15.28 11.24
C PRO A 454 24.15 13.89 11.06
N MET A 455 24.99 12.93 10.69
CA MET A 455 24.58 11.55 10.50
C MET A 455 24.99 10.69 11.70
N ALA A 456 24.15 9.75 12.10
CA ALA A 456 24.47 8.85 13.23
C ALA A 456 23.52 7.65 13.30
N GLY A 457 24.04 6.50 13.74
CA GLY A 457 23.22 5.32 14.03
C GLY A 457 22.42 4.84 12.81
N GLY A 458 22.92 5.19 11.63
CA GLY A 458 22.26 4.80 10.37
C GLY A 458 20.87 5.39 10.22
N LEU A 459 20.58 6.42 11.00
CA LEU A 459 19.21 6.97 11.10
C LEU A 459 18.80 7.86 9.91
N PRO A 460 17.52 7.80 9.49
CA PRO A 460 17.06 8.73 8.44
C PRO A 460 16.93 10.16 9.00
N ARG A 461 17.11 11.14 8.14
CA ARG A 461 17.03 12.56 8.52
C ARG A 461 16.00 13.19 7.58
N VAL A 462 15.09 13.99 8.13
CA VAL A 462 14.09 14.65 7.30
C VAL A 462 14.04 16.12 7.66
N LEU A 463 14.47 16.96 6.70
CA LEU A 463 14.63 18.40 6.93
C LEU A 463 13.49 19.24 6.39
N TYR A 464 13.19 20.32 7.09
CA TYR A 464 12.11 21.22 6.71
C TYR A 464 12.45 22.56 7.35
N PRO A 465 12.18 23.68 6.66
CA PRO A 465 12.51 24.97 7.27
C PRO A 465 11.81 25.25 8.61
N THR A 466 12.60 25.59 9.62
CA THR A 466 12.07 25.82 10.97
C THR A 466 10.96 26.90 11.03
N GLU A 467 11.14 28.01 10.32
CA GLU A 467 10.15 29.08 10.41
C GLU A 467 8.77 28.60 9.94
N LYS A 468 8.75 27.65 9.01
CA LYS A 468 7.49 27.18 8.47
C LYS A 468 6.73 26.29 9.46
N LEU A 469 7.40 25.84 10.51
CA LEU A 469 6.75 24.96 11.50
C LEU A 469 6.03 25.76 12.58
N ALA A 470 6.13 27.08 12.54
CA ALA A 470 5.52 27.90 13.57
C ALA A 470 4.06 27.50 13.81
N GLY A 471 3.72 27.29 15.07
CA GLY A 471 2.34 26.95 15.44
C GLY A 471 1.95 25.49 15.30
N SER A 472 2.86 24.65 14.81
CA SER A 472 2.51 23.23 14.66
C SER A 472 2.90 22.42 15.89
N LYS A 473 2.48 21.16 15.92
CA LYS A 473 2.89 20.24 16.99
C LYS A 473 4.21 19.54 16.71
N ILE A 474 4.80 19.77 15.55
CA ILE A 474 6.02 19.05 15.17
C ILE A 474 7.24 19.61 15.91
N CYS A 475 7.92 18.77 16.67
CA CYS A 475 9.11 19.18 17.42
C CYS A 475 8.85 20.38 18.29
N SER A 476 7.71 20.40 18.97
CA SER A 476 7.33 21.60 19.70
C SER A 476 7.88 21.62 21.12
#